data_8OMW
#
_entry.id   8OMW
#
_cell.length_a   49.034
_cell.length_b   34.263
_cell.length_c   63.081
_cell.angle_alpha   90.000
_cell.angle_beta   99.680
_cell.angle_gamma   90.000
#
_symmetry.space_group_name_H-M   'C 1 2 1'
#
loop_
_entity.id
_entity.type
_entity.pdbx_description
1 polymer Titin
2 non-polymer 'CHLORIDE ION'
3 water water
#
_entity_poly.entity_id   1
_entity_poly.type   'polypeptide(L)'
_entity_poly.pdbx_seq_one_letter_code
;GSSLPGPPGKPKVLARTKGSMLVSWTPPLDNGGSPITGYWLEKREEGSPYWSRVSRAPITKVGLKGVEFNVPRLLEGVKY
QFRAMAINAAGIGPPSEPSDPEVAGDPIF
;
_entity_poly.pdbx_strand_id   A
#
loop_
_chem_comp.id
_chem_comp.type
_chem_comp.name
_chem_comp.formula
CL non-polymer 'CHLORIDE ION' 'Cl -1'
#
# COMPACT_ATOMS: atom_id res chain seq x y z
N SER A 3 18.37 -1.91 12.48
CA SER A 3 17.40 -2.51 13.41
C SER A 3 15.99 -2.43 12.81
N LEU A 4 15.47 -1.22 12.61
CA LEU A 4 14.20 -1.10 11.88
C LEU A 4 14.37 -1.60 10.45
N PRO A 5 13.30 -2.08 9.82
CA PRO A 5 13.42 -2.51 8.42
C PRO A 5 13.54 -1.30 7.50
N GLY A 6 14.04 -1.55 6.29
CA GLY A 6 14.07 -0.53 5.26
C GLY A 6 12.70 -0.31 4.66
N PRO A 7 12.63 0.62 3.69
CA PRO A 7 11.36 0.90 3.02
C PRO A 7 10.98 -0.22 2.08
N PRO A 8 9.71 -0.60 2.04
CA PRO A 8 9.26 -1.52 0.99
C PRO A 8 9.38 -0.88 -0.38
N GLY A 9 9.22 -1.71 -1.41
CA GLY A 9 9.15 -1.17 -2.76
C GLY A 9 7.95 -0.27 -2.96
N LYS A 10 8.05 0.54 -4.02
CA LYS A 10 6.97 1.44 -4.40
C LYS A 10 5.74 0.61 -4.73
N PRO A 11 4.60 0.84 -4.09
CA PRO A 11 3.44 -0.01 -4.39
C PRO A 11 2.92 0.26 -5.77
N LYS A 12 2.28 -0.77 -6.33
CA LYS A 12 1.68 -0.75 -7.64
C LYS A 12 0.21 -1.17 -7.53
N VAL A 13 -0.65 -0.45 -8.25
CA VAL A 13 -2.05 -0.83 -8.31
C VAL A 13 -2.20 -1.87 -9.40
N LEU A 14 -2.59 -3.08 -9.02
CA LEU A 14 -2.72 -4.21 -9.92
C LEU A 14 -4.13 -4.42 -10.42
N ALA A 15 -5.14 -3.84 -9.76
CA ALA A 15 -6.54 -4.00 -10.14
C ALA A 15 -7.27 -2.82 -9.54
N ARG A 16 -8.37 -2.42 -10.17
CA ARG A 16 -9.18 -1.36 -9.60
C ARG A 16 -10.64 -1.59 -9.93
N THR A 17 -11.50 -1.02 -9.08
CA THR A 17 -12.92 -0.88 -9.33
C THR A 17 -13.31 0.52 -8.88
N LYS A 18 -14.59 0.86 -9.07
CA LYS A 18 -15.14 2.12 -8.58
C LYS A 18 -14.85 2.34 -7.10
N GLY A 19 -14.76 1.28 -6.30
CA GLY A 19 -14.65 1.40 -4.87
C GLY A 19 -13.48 0.69 -4.23
N SER A 20 -12.50 0.20 -5.00
CA SER A 20 -11.43 -0.60 -4.43
C SER A 20 -10.22 -0.59 -5.36
N MET A 21 -9.06 -0.92 -4.80
CA MET A 21 -7.85 -1.12 -5.58
C MET A 21 -7.01 -2.20 -4.94
N LEU A 22 -6.54 -3.16 -5.75
CA LEU A 22 -5.58 -4.14 -5.28
C LEU A 22 -4.19 -3.53 -5.39
N VAL A 23 -3.52 -3.37 -4.26
CA VAL A 23 -2.22 -2.72 -4.19
C VAL A 23 -1.20 -3.76 -3.77
N SER A 24 -0.04 -3.75 -4.42
CA SER A 24 0.99 -4.73 -4.17
C SER A 24 2.35 -4.07 -4.07
N TRP A 25 3.24 -4.61 -3.23
CA TRP A 25 4.56 -4.04 -3.05
C TRP A 25 5.57 -5.11 -2.71
N THR A 26 6.82 -4.84 -3.02
CA THR A 26 7.86 -5.82 -2.69
C THR A 26 8.40 -5.57 -1.28
N PRO A 27 8.84 -6.61 -0.60
CA PRO A 27 9.48 -6.43 0.71
C PRO A 27 10.71 -5.55 0.60
N PRO A 28 11.10 -4.89 1.69
CA PRO A 28 12.36 -4.15 1.68
C PRO A 28 13.54 -5.05 1.39
N LEU A 29 14.56 -4.46 0.80
CA LEU A 29 15.80 -5.20 0.58
C LEU A 29 16.49 -5.53 1.90
N ASP A 30 16.36 -4.68 2.90
CA ASP A 30 17.00 -4.87 4.20
C ASP A 30 15.90 -5.00 5.25
N ASN A 31 15.74 -6.18 5.84
CA ASN A 31 14.71 -6.39 6.83
C ASN A 31 15.14 -5.92 8.22
N GLY A 32 16.33 -5.34 8.34
CA GLY A 32 16.79 -4.83 9.62
C GLY A 32 17.45 -5.85 10.50
N GLY A 33 17.58 -7.09 10.03
CA GLY A 33 18.23 -8.12 10.81
C GLY A 33 17.28 -9.01 11.57
N SER A 34 15.98 -8.72 11.54
CA SER A 34 14.97 -9.55 12.14
CA SER A 34 14.97 -9.57 12.14
C SER A 34 13.86 -9.76 11.12
N PRO A 35 13.13 -10.87 11.19
CA PRO A 35 12.08 -11.08 10.17
C PRO A 35 10.99 -10.03 10.20
N ILE A 36 10.59 -9.60 9.02
CA ILE A 36 9.40 -8.76 8.90
C ILE A 36 8.19 -9.61 9.24
N THR A 37 7.32 -9.07 10.11
CA THR A 37 6.13 -9.77 10.56
C THR A 37 4.86 -9.28 9.88
N GLY A 38 4.91 -8.17 9.16
CA GLY A 38 3.74 -7.68 8.45
C GLY A 38 4.03 -6.27 8.00
N TYR A 39 2.99 -5.68 7.42
CA TYR A 39 3.07 -4.36 6.82
C TYR A 39 1.87 -3.51 7.18
N TRP A 40 2.10 -2.22 7.28
CA TRP A 40 1.01 -1.26 7.26
C TRP A 40 0.94 -0.63 5.88
N LEU A 41 -0.28 -0.38 5.40
CA LEU A 41 -0.51 0.28 4.13
C LEU A 41 -1.39 1.49 4.40
N GLU A 42 -1.01 2.63 3.86
CA GLU A 42 -1.75 3.87 4.02
C GLU A 42 -2.11 4.44 2.65
N LYS A 43 -3.20 5.20 2.64
CA LYS A 43 -3.69 5.87 1.47
C LYS A 43 -3.74 7.37 1.69
N ARG A 44 -3.66 8.12 0.59
CA ARG A 44 -3.80 9.57 0.57
C ARG A 44 -4.64 9.92 -0.63
N GLU A 45 -5.64 10.76 -0.47
CA GLU A 45 -6.49 11.19 -1.58
C GLU A 45 -6.21 12.62 -2.01
N GLU A 46 -6.65 12.93 -3.24
CA GLU A 46 -6.64 14.33 -3.65
CA GLU A 46 -6.78 14.30 -3.75
C GLU A 46 -7.55 15.16 -2.74
N GLY A 47 -7.13 16.40 -2.48
CA GLY A 47 -7.96 17.24 -1.63
C GLY A 47 -7.72 17.12 -0.14
N SER A 48 -6.84 16.23 0.29
CA SER A 48 -6.45 16.07 1.68
C SER A 48 -4.97 15.72 1.73
N PRO A 49 -4.20 16.27 2.69
CA PRO A 49 -2.78 15.89 2.82
C PRO A 49 -2.52 14.61 3.63
N TYR A 50 -3.48 14.10 4.36
CA TYR A 50 -3.31 13.07 5.36
C TYR A 50 -3.12 11.69 4.75
N TRP A 51 -2.34 10.87 5.44
CA TRP A 51 -2.20 9.44 5.17
C TRP A 51 -3.01 8.65 6.18
N SER A 52 -3.76 7.65 5.70
CA SER A 52 -4.69 6.88 6.51
C SER A 52 -4.44 5.39 6.37
N ARG A 53 -4.31 4.68 7.48
CA ARG A 53 -4.24 3.23 7.41
C ARG A 53 -5.49 2.64 6.81
N VAL A 54 -5.31 1.61 5.98
CA VAL A 54 -6.42 0.97 5.32
C VAL A 54 -6.81 -0.37 5.90
N SER A 55 -6.08 -0.86 6.90
CA SER A 55 -6.40 -2.14 7.53
C SER A 55 -6.30 -1.98 9.03
N ARG A 56 -7.08 -2.80 9.73
CA ARG A 56 -7.06 -2.78 11.18
C ARG A 56 -5.88 -3.55 11.74
N ALA A 57 -5.33 -4.50 11.00
CA ALA A 57 -4.23 -5.32 11.45
C ALA A 57 -3.18 -5.34 10.35
N PRO A 58 -1.96 -5.73 10.68
CA PRO A 58 -0.92 -5.77 9.64
C PRO A 58 -1.29 -6.70 8.50
N ILE A 59 -0.80 -6.35 7.33
CA ILE A 59 -0.98 -7.11 6.11
C ILE A 59 0.19 -8.06 5.91
N THR A 60 -0.10 -9.31 5.56
CA THR A 60 0.93 -10.32 5.37
C THR A 60 0.76 -11.10 4.07
N LYS A 61 -0.36 -11.00 3.37
CA LYS A 61 -0.62 -11.86 2.22
C LYS A 61 0.39 -11.64 1.11
N VAL A 62 0.99 -12.73 0.64
CA VAL A 62 1.91 -12.69 -0.47
C VAL A 62 1.15 -13.15 -1.72
N GLY A 63 1.05 -12.25 -2.68
CA GLY A 63 0.44 -12.54 -3.96
C GLY A 63 1.51 -12.79 -5.01
N LEU A 64 1.06 -12.75 -6.26
CA LEU A 64 1.94 -13.14 -7.36
C LEU A 64 3.08 -12.16 -7.57
N LYS A 65 2.89 -10.90 -7.22
CA LYS A 65 3.90 -9.88 -7.47
C LYS A 65 4.56 -9.33 -6.21
N GLY A 66 4.04 -9.64 -5.04
CA GLY A 66 4.53 -9.04 -3.82
C GLY A 66 3.47 -9.18 -2.76
N VAL A 67 3.69 -8.49 -1.65
CA VAL A 67 2.67 -8.44 -0.61
C VAL A 67 1.52 -7.60 -1.14
N GLU A 68 0.27 -7.99 -0.84
CA GLU A 68 -0.84 -7.29 -1.48
C GLU A 68 -2.04 -7.19 -0.57
N PHE A 69 -2.87 -6.20 -0.87
CA PHE A 69 -4.10 -5.95 -0.13
C PHE A 69 -5.10 -5.27 -1.04
N ASN A 70 -6.36 -5.70 -1.00
CA ASN A 70 -7.44 -5.01 -1.71
C ASN A 70 -7.98 -3.93 -0.83
N VAL A 71 -7.67 -2.69 -1.17
CA VAL A 71 -8.09 -1.55 -0.40
C VAL A 71 -9.55 -1.25 -0.70
N PRO A 72 -10.41 -1.31 0.30
CA PRO A 72 -11.84 -1.05 0.11
C PRO A 72 -12.16 0.43 0.38
N ARG A 73 -13.43 0.79 0.32
CA ARG A 73 -13.91 2.09 0.81
C ARG A 73 -13.34 3.25 0.02
N LEU A 74 -12.99 3.04 -1.24
CA LEU A 74 -12.59 4.14 -2.10
C LEU A 74 -13.82 4.77 -2.73
N LEU A 75 -13.68 6.04 -3.10
CA LEU A 75 -14.75 6.80 -3.72
C LEU A 75 -14.53 6.92 -5.22
N GLU A 76 -15.57 6.62 -5.98
CA GLU A 76 -15.43 6.61 -7.42
CA GLU A 76 -15.47 6.63 -7.42
C GLU A 76 -15.05 8.00 -7.89
N GLY A 77 -14.09 8.04 -8.81
CA GLY A 77 -13.64 9.28 -9.37
C GLY A 77 -12.56 9.99 -8.60
N VAL A 78 -12.23 9.53 -7.40
CA VAL A 78 -11.19 10.15 -6.57
C VAL A 78 -9.85 9.47 -6.86
N LYS A 79 -8.79 10.29 -6.86
CA LYS A 79 -7.43 9.86 -7.13
C LYS A 79 -6.70 9.61 -5.81
N TYR A 80 -6.07 8.45 -5.74
CA TYR A 80 -5.39 7.98 -4.55
C TYR A 80 -3.94 7.59 -4.83
N GLN A 81 -3.11 7.71 -3.79
CA GLN A 81 -1.80 7.09 -3.72
C GLN A 81 -1.70 6.28 -2.44
N PHE A 82 -0.76 5.34 -2.43
CA PHE A 82 -0.56 4.41 -1.34
C PHE A 82 0.91 4.35 -0.98
N ARG A 83 1.20 4.09 0.30
CA ARG A 83 2.56 3.87 0.74
C ARG A 83 2.53 2.77 1.79
N ALA A 84 3.58 1.93 1.80
CA ALA A 84 3.67 0.79 2.69
C ALA A 84 4.85 0.94 3.64
N MET A 85 4.71 0.36 4.82
CA MET A 85 5.74 0.34 5.87
CA MET A 85 5.77 0.33 5.83
C MET A 85 5.87 -1.09 6.35
N ALA A 86 7.11 -1.57 6.52
CA ALA A 86 7.37 -2.88 7.07
C ALA A 86 7.44 -2.81 8.59
N ILE A 87 7.13 -3.93 9.23
CA ILE A 87 7.16 -4.09 10.67
C ILE A 87 8.09 -5.23 11.01
N ASN A 88 9.03 -5.00 11.95
CA ASN A 88 9.81 -6.11 12.49
C ASN A 88 9.86 -5.99 14.00
N ALA A 89 10.73 -6.77 14.65
CA ALA A 89 10.75 -6.78 16.10
C ALA A 89 11.10 -5.40 16.66
N ALA A 90 11.87 -4.61 15.92
CA ALA A 90 12.26 -3.29 16.40
C ALA A 90 11.16 -2.25 16.24
N GLY A 91 10.22 -2.46 15.33
CA GLY A 91 9.14 -1.52 15.14
C GLY A 91 8.81 -1.32 13.67
N ILE A 92 8.22 -0.15 13.39
CA ILE A 92 7.71 0.18 12.07
C ILE A 92 8.77 0.96 11.32
N GLY A 93 9.14 0.49 10.13
CA GLY A 93 10.12 1.16 9.32
C GLY A 93 9.53 2.33 8.53
N PRO A 94 10.40 2.98 7.77
CA PRO A 94 9.99 4.15 6.99
C PRO A 94 9.12 3.75 5.81
N PRO A 95 8.34 4.70 5.30
CA PRO A 95 7.44 4.39 4.19
C PRO A 95 8.19 4.19 2.90
N SER A 96 7.59 3.37 2.05
CA SER A 96 7.95 3.31 0.64
C SER A 96 7.71 4.66 -0.02
N GLU A 97 8.27 4.82 -1.22
CA GLU A 97 7.80 5.83 -2.15
CA GLU A 97 7.79 5.85 -2.12
C GLU A 97 6.29 5.64 -2.34
N PRO A 98 5.54 6.72 -2.55
CA PRO A 98 4.11 6.53 -2.86
C PRO A 98 3.93 5.93 -4.24
N SER A 99 2.85 5.18 -4.39
CA SER A 99 2.47 4.67 -5.69
C SER A 99 2.17 5.79 -6.67
N ASP A 100 2.27 5.46 -7.96
CA ASP A 100 1.76 6.36 -8.97
C ASP A 100 0.26 6.54 -8.77
N PRO A 101 -0.27 7.75 -8.95
CA PRO A 101 -1.70 7.97 -8.67
C PRO A 101 -2.60 7.13 -9.56
N GLU A 102 -3.74 6.75 -8.99
CA GLU A 102 -4.75 6.01 -9.71
C GLU A 102 -6.12 6.50 -9.26
N VAL A 103 -7.07 6.50 -10.18
CA VAL A 103 -8.44 6.88 -9.88
CA VAL A 103 -8.43 6.88 -9.85
C VAL A 103 -9.29 5.64 -9.66
N ALA A 104 -10.15 5.70 -8.66
CA ALA A 104 -11.13 4.65 -8.43
C ALA A 104 -12.15 4.70 -9.55
N GLY A 105 -12.29 3.61 -10.28
CA GLY A 105 -13.20 3.55 -11.41
C GLY A 105 -13.07 2.19 -12.01
N ASP A 106 -14.00 1.88 -12.93
CA ASP A 106 -13.73 0.56 -13.44
CA ASP A 106 -13.98 0.65 -13.76
C ASP A 106 -12.64 0.59 -14.51
N PRO A 107 -11.98 -0.54 -14.66
N PRO A 107 -12.00 -0.56 -14.63
CA PRO A 107 -10.81 -0.60 -15.55
CA PRO A 107 -10.83 -0.65 -15.52
C PRO A 107 -11.24 -0.56 -17.00
C PRO A 107 -11.25 -0.55 -16.99
N ILE A 108 -10.26 -0.17 -17.83
CA ILE A 108 -10.38 -0.30 -19.26
C ILE A 108 -10.62 -1.77 -19.58
N PHE A 109 -11.53 -2.01 -20.50
CA PHE A 109 -11.75 -3.37 -20.95
C PHE A 109 -10.58 -3.81 -21.84
CL CL B . -7.43 0.43 -16.28
#